data_2IXI
#
_entry.id   2IXI
#
_cell.length_a   64.785
_cell.length_b   148.065
_cell.length_c   45.434
_cell.angle_alpha   90.00
_cell.angle_beta   90.00
_cell.angle_gamma   90.00
#
_symmetry.space_group_name_H-M   'P 21 21 2'
#
loop_
_entity.id
_entity.type
_entity.pdbx_description
1 polymer 'DTDP-4-DEHYDRORHAMNOSE 3,5-EPIMERASE'
2 non-polymer "THYMIDINE-5'-DIPHOSPHATE"
3 non-polymer 'S,R MESO-TARTARIC ACID'
4 water water
#
_entity_poly.entity_id   1
_entity_poly.type   'polypeptide(L)'
_entity_poly.pdbx_seq_one_letter_code
;SMSMKATRLAIPDVILFEPRVFGDDRGFFFESYNQRAFEEACGHPVSFVQDNHSRSARGVLRGLHYQIRQAQGKLVRATL
GEVFDVAVDLRRGSPTFGQWVGERLSAENKRQMWIPAGFAHGFVVLSEYAEFLYKTTDFWAPEHERCIVWNDPELKIDWP
LQDAPLLSEKDRQGKAFADADCFP
;
_entity_poly.pdbx_strand_id   A,B
#
# COMPACT_ATOMS: atom_id res chain seq x y z
N SER A 1 -21.47 9.62 -14.52
CA SER A 1 -20.02 9.25 -14.50
C SER A 1 -19.39 9.49 -13.14
N MET A 2 -18.43 8.63 -12.80
CA MET A 2 -17.72 8.71 -11.52
C MET A 2 -16.23 8.58 -11.77
N SER A 3 -15.44 9.24 -10.93
CA SER A 3 -13.99 9.19 -11.02
C SER A 3 -13.34 9.56 -9.69
N MET A 4 -12.01 9.42 -9.64
CA MET A 4 -11.20 9.87 -8.51
C MET A 4 -11.53 11.34 -8.21
N LYS A 5 -11.59 11.70 -6.93
CA LYS A 5 -11.84 13.10 -6.50
C LYS A 5 -10.65 13.64 -5.69
N ALA A 6 -10.33 14.92 -5.91
CA ALA A 6 -9.25 15.59 -5.21
C ALA A 6 -9.72 16.98 -4.82
N THR A 7 -9.51 17.35 -3.56
CA THR A 7 -9.97 18.62 -3.02
C THR A 7 -8.86 19.24 -2.17
N ARG A 8 -8.40 20.45 -2.53
CA ARG A 8 -7.42 21.16 -1.71
C ARG A 8 -8.10 21.67 -0.44
N LEU A 9 -7.43 21.52 0.70
CA LEU A 9 -7.99 21.94 1.99
C LEU A 9 -7.64 23.41 2.29
N ALA A 10 -7.97 23.87 3.51
CA ALA A 10 -7.80 25.27 3.92
C ALA A 10 -6.35 25.77 3.88
N ILE A 11 -5.43 24.87 4.15
CA ILE A 11 -4.01 25.03 3.79
C ILE A 11 -3.87 24.34 2.44
N PRO A 12 -3.79 25.12 1.34
CA PRO A 12 -4.05 24.58 0.01
C PRO A 12 -3.08 23.55 -0.54
N ASP A 13 -1.87 23.46 0.02
CA ASP A 13 -0.90 22.44 -0.36
C ASP A 13 -1.30 21.03 0.15
N VAL A 14 -2.21 20.97 1.13
CA VAL A 14 -2.72 19.66 1.61
C VAL A 14 -3.96 19.25 0.80
N ILE A 15 -3.92 18.04 0.23
CA ILE A 15 -4.97 17.54 -0.69
C ILE A 15 -5.66 16.27 -0.14
N LEU A 16 -7.00 16.29 -0.15
CA LEU A 16 -7.81 15.14 0.24
C LEU A 16 -8.24 14.38 -1.01
N PHE A 17 -7.88 13.10 -1.10
CA PHE A 17 -8.13 12.27 -2.25
C PHE A 17 -9.23 11.23 -1.92
N GLU A 18 -10.11 10.96 -2.88
CA GLU A 18 -11.06 9.84 -2.76
C GLU A 18 -11.13 8.99 -4.04
N PRO A 19 -10.64 7.74 -3.99
CA PRO A 19 -10.67 6.83 -5.15
C PRO A 19 -12.06 6.45 -5.61
N ARG A 20 -12.18 6.10 -6.88
CA ARG A 20 -13.38 5.50 -7.43
C ARG A 20 -13.31 3.99 -7.18
N VAL A 21 -14.34 3.45 -6.55
CA VAL A 21 -14.42 2.03 -6.20
C VAL A 21 -15.37 1.27 -7.13
N PHE A 22 -14.90 0.15 -7.70
CA PHE A 22 -15.75 -0.68 -8.56
C PHE A 22 -16.20 -1.91 -7.77
N GLY A 23 -17.50 -2.05 -7.57
CA GLY A 23 -18.06 -3.21 -6.86
C GLY A 23 -18.66 -4.24 -7.79
N ASP A 24 -18.53 -5.52 -7.44
CA ASP A 24 -19.26 -6.59 -8.13
C ASP A 24 -19.55 -7.73 -7.15
N ASP A 25 -20.05 -8.87 -7.64
CA ASP A 25 -20.44 -9.94 -6.71
C ASP A 25 -19.27 -10.72 -6.09
N ARG A 26 -18.03 -10.37 -6.44
CA ARG A 26 -16.83 -10.91 -5.78
C ARG A 26 -16.43 -10.06 -4.58
N GLY A 27 -16.69 -8.76 -4.67
CA GLY A 27 -16.27 -7.79 -3.67
C GLY A 27 -16.05 -6.44 -4.34
N PHE A 28 -14.83 -5.91 -4.26
CA PHE A 28 -14.50 -4.66 -4.97
C PHE A 28 -13.06 -4.59 -5.47
N PHE A 29 -12.81 -3.62 -6.36
CA PHE A 29 -11.48 -3.25 -6.84
C PHE A 29 -11.36 -1.73 -6.92
N PHE A 30 -10.22 -1.19 -6.52
CA PHE A 30 -9.87 0.21 -6.82
C PHE A 30 -8.36 0.45 -6.90
N GLU A 31 -7.98 1.53 -7.58
CA GLU A 31 -6.59 1.98 -7.60
C GLU A 31 -6.39 2.87 -6.39
N SER A 32 -5.59 2.42 -5.42
CA SER A 32 -5.25 3.24 -4.26
C SER A 32 -4.19 4.30 -4.55
N TYR A 33 -3.43 4.13 -5.63
CA TYR A 33 -2.51 5.16 -6.11
C TYR A 33 -2.30 5.04 -7.63
N ASN A 34 -2.20 6.18 -8.30
CA ASN A 34 -1.86 6.23 -9.71
C ASN A 34 -1.02 7.48 -9.94
N GLN A 35 0.24 7.30 -10.36
CA GLN A 35 1.20 8.41 -10.37
C GLN A 35 0.77 9.53 -11.32
N ARG A 36 0.24 9.17 -12.48
CA ARG A 36 -0.29 10.17 -13.42
C ARG A 36 -1.38 11.03 -12.79
N ALA A 37 -2.40 10.36 -12.27
CA ALA A 37 -3.56 11.05 -11.70
C ALA A 37 -3.14 11.91 -10.50
N PHE A 38 -2.22 11.39 -9.70
CA PHE A 38 -1.71 12.11 -8.54
C PHE A 38 -0.91 13.36 -8.91
N GLU A 39 0.02 13.21 -9.86
CA GLU A 39 0.87 14.35 -10.28
C GLU A 39 0.05 15.44 -10.95
N GLU A 40 -0.98 15.04 -11.69
CA GLU A 40 -1.89 15.98 -12.35
C GLU A 40 -2.66 16.79 -11.31
N ALA A 41 -3.09 16.13 -10.23
CA ALA A 41 -3.86 16.80 -9.19
C ALA A 41 -3.04 17.77 -8.35
N CYS A 42 -1.78 17.43 -8.07
CA CYS A 42 -0.98 18.32 -7.21
C CYS A 42 -0.19 19.37 -7.99
N GLY A 43 -0.05 19.17 -9.29
CA GLY A 43 0.60 20.15 -10.17
C GLY A 43 2.12 20.02 -10.27
N HIS A 44 2.69 18.93 -9.77
CA HIS A 44 4.13 18.67 -9.94
C HIS A 44 4.48 17.19 -9.79
N PRO A 45 5.66 16.77 -10.30
CA PRO A 45 6.11 15.39 -10.17
C PRO A 45 6.40 14.99 -8.75
N VAL A 46 6.25 13.69 -8.47
CA VAL A 46 6.50 13.12 -7.14
C VAL A 46 7.17 11.76 -7.30
N SER A 47 7.99 11.38 -6.33
CA SER A 47 8.53 10.03 -6.27
C SER A 47 8.46 9.50 -4.85
N PHE A 48 7.80 8.35 -4.65
CA PHE A 48 7.75 7.68 -3.37
C PHE A 48 8.77 6.55 -3.32
N VAL A 49 9.46 6.45 -2.18
CA VAL A 49 10.58 5.52 -2.01
C VAL A 49 10.37 4.46 -0.91
N GLN A 50 9.38 4.68 -0.04
CA GLN A 50 9.09 3.77 1.07
C GLN A 50 7.58 3.70 1.34
N ASP A 51 7.04 2.50 1.59
CA ASP A 51 5.68 2.30 2.11
C ASP A 51 5.75 1.70 3.53
N ASN A 52 5.02 2.31 4.47
CA ASN A 52 4.98 1.92 5.88
C ASN A 52 3.58 1.42 6.31
N HIS A 53 3.53 0.52 7.30
CA HIS A 53 2.27 -0.09 7.76
C HIS A 53 2.31 -0.24 9.28
N SER A 54 1.32 0.33 9.97
CA SER A 54 1.21 0.23 11.45
C SER A 54 -0.16 -0.30 11.88
N ARG A 55 -0.23 -0.87 13.08
CA ARG A 55 -1.49 -1.30 13.69
C ARG A 55 -1.56 -0.70 15.09
N SER A 56 -2.71 -0.13 15.45
CA SER A 56 -2.86 0.64 16.68
C SER A 56 -4.24 0.45 17.32
N ALA A 57 -4.25 0.33 18.64
CA ALA A 57 -5.49 0.12 19.40
C ALA A 57 -6.22 1.44 19.62
N ARG A 58 -7.49 1.34 20.01
CA ARG A 58 -8.34 2.52 20.25
C ARG A 58 -7.67 3.48 21.22
N GLY A 59 -7.70 4.77 20.88
CA GLY A 59 -7.15 5.80 21.74
C GLY A 59 -5.68 6.09 21.49
N VAL A 60 -4.98 5.23 20.77
CA VAL A 60 -3.55 5.47 20.48
C VAL A 60 -3.40 6.73 19.63
N LEU A 61 -2.42 7.56 19.98
CA LEU A 61 -2.15 8.77 19.21
C LEU A 61 -0.66 8.81 18.89
N ARG A 62 -0.33 8.83 17.59
CA ARG A 62 1.06 8.94 17.12
C ARG A 62 1.31 10.31 16.46
N GLY A 63 2.34 11.03 16.91
CA GLY A 63 2.68 12.37 16.39
C GLY A 63 3.12 13.33 17.49
N LEU A 64 3.42 14.59 17.17
CA LEU A 64 3.37 15.14 15.80
C LEU A 64 4.75 15.07 15.15
N HIS A 65 4.87 14.35 14.03
CA HIS A 65 6.17 13.92 13.50
C HIS A 65 6.63 14.57 12.20
N TYR A 66 7.94 14.84 12.11
CA TYR A 66 8.59 15.33 10.90
C TYR A 66 10.11 15.10 10.96
N GLN A 67 10.76 15.14 9.79
CA GLN A 67 12.22 15.05 9.66
C GLN A 67 12.71 16.41 9.12
N ILE A 68 13.64 17.06 9.82
CA ILE A 68 14.07 18.44 9.48
C ILE A 68 15.04 18.50 8.31
N ARG A 69 15.80 17.42 8.11
CA ARG A 69 16.55 17.17 6.88
C ARG A 69 16.05 15.83 6.34
N GLN A 70 16.18 15.59 5.03
CA GLN A 70 15.55 14.43 4.38
C GLN A 70 14.04 14.44 4.68
N ALA A 71 13.41 15.60 4.51
CA ALA A 71 12.00 15.77 4.84
C ALA A 71 11.15 14.90 3.93
N GLN A 72 10.08 14.35 4.49
CA GLN A 72 9.23 13.39 3.78
C GLN A 72 7.85 13.97 3.53
N GLY A 73 7.45 14.03 2.25
CA GLY A 73 6.02 14.15 1.91
C GLY A 73 5.38 12.80 2.22
N LYS A 74 4.10 12.81 2.60
CA LYS A 74 3.40 11.59 3.02
C LYS A 74 2.01 11.51 2.41
N LEU A 75 1.70 10.39 1.75
CA LEU A 75 0.33 10.11 1.29
C LEU A 75 -0.23 8.99 2.16
N VAL A 76 -1.23 9.34 2.98
CA VAL A 76 -1.70 8.45 4.06
C VAL A 76 -3.16 7.97 3.87
N ARG A 77 -3.46 6.78 4.40
CA ARG A 77 -4.81 6.21 4.34
C ARG A 77 -5.02 5.13 5.41
N ALA A 78 -6.28 4.75 5.61
CA ALA A 78 -6.61 3.69 6.57
C ALA A 78 -7.23 2.49 5.86
N THR A 79 -6.70 1.30 6.16
CA THR A 79 -7.19 0.04 5.58
C THR A 79 -7.98 -0.83 6.58
N LEU A 80 -7.86 -0.53 7.86
CA LEU A 80 -8.77 -1.07 8.88
C LEU A 80 -9.12 0.04 9.87
N GLY A 81 -10.41 0.16 10.20
CA GLY A 81 -10.86 1.07 11.26
C GLY A 81 -10.92 2.52 10.81
N GLU A 82 -10.82 3.43 11.77
CA GLU A 82 -11.01 4.86 11.53
C GLU A 82 -10.05 5.67 12.41
N VAL A 83 -9.45 6.71 11.81
CA VAL A 83 -8.60 7.66 12.55
C VAL A 83 -9.01 9.10 12.25
N PHE A 84 -8.66 10.03 13.15
CA PHE A 84 -8.65 11.48 12.83
C PHE A 84 -7.21 11.86 12.53
N ASP A 85 -6.96 12.32 11.30
CA ASP A 85 -5.61 12.61 10.78
C ASP A 85 -5.38 14.13 10.65
N VAL A 86 -4.20 14.58 11.09
CA VAL A 86 -3.87 16.01 11.23
C VAL A 86 -2.54 16.38 10.52
N ALA A 87 -2.57 17.52 9.82
CA ALA A 87 -1.39 18.10 9.17
C ALA A 87 -1.16 19.53 9.68
N VAL A 88 0.07 19.83 10.08
CA VAL A 88 0.43 21.14 10.64
C VAL A 88 1.54 21.79 9.80
N ASP A 89 1.31 23.04 9.37
CA ASP A 89 2.30 23.76 8.55
C ASP A 89 3.43 24.31 9.43
N LEU A 90 4.64 23.79 9.26
CA LEU A 90 5.81 24.20 10.07
C LEU A 90 6.82 25.01 9.26
N ARG A 91 6.39 25.58 8.15
CA ARG A 91 7.28 26.43 7.34
C ARG A 91 7.15 27.86 7.86
N ARG A 92 8.18 28.33 8.58
CA ARG A 92 8.15 29.61 9.27
C ARG A 92 7.74 30.77 8.36
N GLY A 93 8.16 30.71 7.10
CA GLY A 93 7.83 31.75 6.11
C GLY A 93 6.45 31.68 5.48
N SER A 94 5.73 30.57 5.68
CA SER A 94 4.42 30.36 5.07
C SER A 94 3.33 31.24 5.69
N PRO A 95 2.37 31.73 4.87
CA PRO A 95 1.24 32.49 5.40
C PRO A 95 0.31 31.70 6.33
N THR A 96 0.37 30.37 6.30
CA THR A 96 -0.41 29.51 7.20
C THR A 96 0.48 28.78 8.21
N PHE A 97 1.61 29.40 8.55
CA PHE A 97 2.53 28.86 9.57
C PHE A 97 1.81 28.71 10.91
N GLY A 98 1.91 27.51 11.48
CA GLY A 98 1.28 27.22 12.77
C GLY A 98 -0.20 26.90 12.71
N GLN A 99 -0.76 26.83 11.50
CA GLN A 99 -2.14 26.37 11.32
C GLN A 99 -2.16 24.87 11.04
N TRP A 100 -3.32 24.25 11.22
CA TRP A 100 -3.51 22.82 10.98
C TRP A 100 -4.85 22.53 10.30
N VAL A 101 -4.92 21.38 9.62
CA VAL A 101 -6.19 20.84 9.11
C VAL A 101 -6.30 19.37 9.50
N GLY A 102 -7.54 18.90 9.67
CA GLY A 102 -7.81 17.51 10.02
C GLY A 102 -9.04 16.91 9.36
N GLU A 103 -8.97 15.60 9.09
CA GLU A 103 -10.05 14.85 8.46
C GLU A 103 -10.13 13.44 9.04
N ARG A 104 -11.33 12.86 9.04
CA ARG A 104 -11.50 11.45 9.41
C ARG A 104 -11.28 10.56 8.18
N LEU A 105 -10.36 9.61 8.32
CA LEU A 105 -10.06 8.65 7.26
C LEU A 105 -10.38 7.25 7.76
N SER A 106 -11.10 6.48 6.95
CA SER A 106 -11.46 5.12 7.34
C SER A 106 -11.31 4.13 6.18
N ALA A 107 -11.29 2.84 6.54
CA ALA A 107 -11.28 1.77 5.55
C ALA A 107 -12.48 1.86 4.62
N GLU A 108 -13.62 2.28 5.18
CA GLU A 108 -14.87 2.34 4.45
C GLU A 108 -14.99 3.58 3.57
N ASN A 109 -14.63 4.76 4.07
CA ASN A 109 -14.70 5.96 3.23
C ASN A 109 -13.55 6.08 2.22
N LYS A 110 -12.44 5.40 2.50
CA LYS A 110 -11.28 5.31 1.59
C LYS A 110 -10.59 6.65 1.30
N ARG A 111 -10.81 7.65 2.14
CA ARG A 111 -10.17 8.93 1.93
C ARG A 111 -8.67 8.87 2.28
N GLN A 112 -7.92 9.73 1.59
CA GLN A 112 -6.46 9.80 1.76
C GLN A 112 -6.06 11.27 1.83
N MET A 113 -5.01 11.54 2.60
CA MET A 113 -4.44 12.88 2.63
C MET A 113 -2.98 12.94 2.18
N TRP A 114 -2.70 13.94 1.35
CA TRP A 114 -1.36 14.21 0.84
C TRP A 114 -0.82 15.37 1.68
N ILE A 115 0.23 15.10 2.45
CA ILE A 115 0.83 16.05 3.36
C ILE A 115 2.29 16.32 2.94
N PRO A 116 2.56 17.44 2.25
CA PRO A 116 3.91 17.67 1.71
C PRO A 116 5.03 17.83 2.72
N ALA A 117 6.27 17.66 2.26
CA ALA A 117 7.45 18.03 3.05
C ALA A 117 7.27 19.45 3.61
N GLY A 118 7.65 19.67 4.87
CA GLY A 118 7.47 20.96 5.53
C GLY A 118 6.35 20.98 6.57
N PHE A 119 5.61 19.89 6.67
CA PHE A 119 4.49 19.74 7.61
C PHE A 119 4.83 18.70 8.69
N ALA A 120 4.21 18.86 9.86
CA ALA A 120 4.19 17.80 10.88
C ALA A 120 2.90 16.97 10.73
N HIS A 121 2.96 15.70 11.13
CA HIS A 121 1.83 14.77 10.93
C HIS A 121 1.49 14.02 12.20
N GLY A 122 0.20 13.85 12.47
CA GLY A 122 -0.27 12.98 13.56
C GLY A 122 -1.68 12.42 13.34
N PHE A 123 -2.01 11.34 14.06
CA PHE A 123 -3.36 10.80 14.03
C PHE A 123 -3.72 10.16 15.35
N VAL A 124 -5.02 10.11 15.65
CA VAL A 124 -5.57 9.40 16.80
C VAL A 124 -6.57 8.32 16.35
N VAL A 125 -6.52 7.15 17.00
CA VAL A 125 -7.37 6.01 16.62
C VAL A 125 -8.75 6.10 17.31
N LEU A 126 -9.81 6.09 16.51
CA LEU A 126 -11.19 6.16 17.03
C LEU A 126 -11.89 4.78 17.08
N SER A 127 -11.34 3.78 16.41
CA SER A 127 -11.94 2.43 16.36
C SER A 127 -11.20 1.43 17.23
N GLU A 128 -11.81 0.25 17.44
CA GLU A 128 -11.22 -0.83 18.25
C GLU A 128 -9.73 -0.99 17.95
N TYR A 129 -9.43 -1.14 16.66
CA TYR A 129 -8.08 -1.04 16.13
C TYR A 129 -8.15 -0.24 14.84
N ALA A 130 -7.00 0.28 14.43
CA ALA A 130 -6.84 0.86 13.12
C ALA A 130 -5.50 0.43 12.54
N GLU A 131 -5.52 0.09 11.24
CA GLU A 131 -4.30 -0.12 10.47
C GLU A 131 -4.14 1.02 9.45
N PHE A 132 -2.96 1.64 9.45
CA PHE A 132 -2.69 2.92 8.81
C PHE A 132 -1.54 2.71 7.85
N LEU A 133 -1.73 3.04 6.57
CA LEU A 133 -0.68 2.92 5.55
C LEU A 133 -0.21 4.30 5.09
N TYR A 134 1.09 4.44 4.84
CA TYR A 134 1.58 5.65 4.23
C TYR A 134 2.82 5.49 3.37
N LYS A 135 2.85 6.27 2.28
CA LYS A 135 3.94 6.34 1.34
C LYS A 135 4.76 7.61 1.61
N THR A 136 6.09 7.52 1.54
CA THR A 136 6.98 8.67 1.82
C THR A 136 7.90 9.01 0.65
N THR A 137 8.18 10.31 0.46
CA THR A 137 9.05 10.77 -0.65
C THR A 137 10.56 10.67 -0.37
N ASP A 138 10.91 10.36 0.88
CA ASP A 138 12.32 10.12 1.26
C ASP A 138 12.39 9.02 2.32
N PHE A 139 13.60 8.54 2.61
CA PHE A 139 13.80 7.42 3.53
C PHE A 139 13.78 7.87 5.00
N TRP A 140 13.40 6.94 5.88
CA TRP A 140 13.55 7.07 7.32
C TRP A 140 14.97 7.47 7.72
N ALA A 141 15.09 8.53 8.52
CA ALA A 141 16.37 9.03 9.01
C ALA A 141 16.20 9.46 10.46
N PRO A 142 16.43 8.53 11.41
CA PRO A 142 16.16 8.77 12.84
C PRO A 142 16.93 9.94 13.46
N GLU A 143 18.14 10.20 12.96
CA GLU A 143 18.95 11.34 13.38
C GLU A 143 18.26 12.70 13.10
N HIS A 144 17.34 12.72 12.14
CA HIS A 144 16.66 13.96 11.73
C HIS A 144 15.19 14.03 12.19
N GLU A 145 14.71 12.99 12.87
CA GLU A 145 13.35 12.97 13.39
C GLU A 145 13.15 14.01 14.48
N ARG A 146 12.00 14.68 14.47
CA ARG A 146 11.62 15.64 15.52
C ARG A 146 10.16 15.42 15.89
N CYS A 147 9.76 15.91 17.06
CA CYS A 147 8.39 15.72 17.55
C CYS A 147 7.89 16.95 18.32
N ILE A 148 6.66 17.35 18.03
CA ILE A 148 5.94 18.38 18.79
C ILE A 148 4.82 17.69 19.58
N VAL A 149 4.66 18.05 20.85
CA VAL A 149 3.69 17.40 21.71
C VAL A 149 2.25 17.64 21.21
N TRP A 150 1.45 16.58 21.26
CA TRP A 150 0.09 16.55 20.70
C TRP A 150 -0.83 17.68 21.17
N ASN A 151 -0.75 18.02 22.46
CA ASN A 151 -1.62 19.02 23.07
C ASN A 151 -0.97 20.40 23.29
N ASP A 152 -0.08 20.78 22.38
CA ASP A 152 0.52 22.12 22.43
C ASP A 152 -0.56 23.20 22.47
N PRO A 153 -0.48 24.13 23.45
CA PRO A 153 -1.52 25.14 23.64
C PRO A 153 -1.58 26.27 22.61
N GLU A 154 -0.56 26.43 21.76
CA GLU A 154 -0.60 27.39 20.65
C GLU A 154 -1.22 26.80 19.36
N LEU A 155 -0.91 25.54 19.05
CA LEU A 155 -1.51 24.86 17.89
C LEU A 155 -3.02 24.63 18.09
N LYS A 156 -3.42 24.33 19.32
CA LYS A 156 -4.83 24.13 19.70
C LYS A 156 -5.55 23.12 18.81
N ILE A 157 -4.97 21.93 18.66
CA ILE A 157 -5.60 20.87 17.86
C ILE A 157 -6.79 20.28 18.62
N ASP A 158 -7.93 20.18 17.93
CA ASP A 158 -9.18 19.69 18.52
C ASP A 158 -9.36 18.19 18.29
N TRP A 159 -8.65 17.39 19.08
CA TRP A 159 -8.72 15.93 18.93
C TRP A 159 -10.10 15.45 19.37
N PRO A 160 -10.80 14.70 18.50
CA PRO A 160 -12.15 14.23 18.87
C PRO A 160 -12.08 12.98 19.73
N LEU A 161 -11.48 13.10 20.90
CA LEU A 161 -11.30 11.97 21.78
C LEU A 161 -11.95 12.28 23.12
N GLN A 162 -12.47 11.24 23.77
CA GLN A 162 -13.25 11.40 24.98
C GLN A 162 -12.29 11.44 26.15
N ASP A 163 -11.58 10.32 26.35
CA ASP A 163 -10.62 10.21 27.44
C ASP A 163 -9.21 10.47 26.92
N ALA A 164 -8.22 10.33 27.80
CA ALA A 164 -6.84 10.63 27.45
C ALA A 164 -6.27 9.66 26.41
N PRO A 165 -5.40 10.16 25.51
CA PRO A 165 -4.79 9.28 24.51
C PRO A 165 -3.63 8.45 25.06
N LEU A 166 -3.37 7.32 24.43
CA LEU A 166 -2.22 6.50 24.74
C LEU A 166 -1.06 6.91 23.82
N LEU A 167 0.05 7.31 24.44
CA LEU A 167 1.23 7.81 23.71
C LEU A 167 2.47 7.00 24.07
N SER A 168 3.42 6.94 23.13
CA SER A 168 4.75 6.41 23.44
C SER A 168 5.51 7.42 24.31
N GLU A 169 6.59 6.96 24.96
CA GLU A 169 7.41 7.86 25.77
C GLU A 169 7.98 8.99 24.93
N LYS A 170 8.50 8.67 23.74
CA LYS A 170 8.98 9.68 22.79
C LYS A 170 7.98 10.80 22.56
N ASP A 171 6.72 10.44 22.33
CA ASP A 171 5.67 11.41 21.97
C ASP A 171 5.17 12.19 23.18
N ARG A 172 5.18 11.56 24.36
CA ARG A 172 4.93 12.29 25.60
C ARG A 172 5.97 13.38 25.82
N GLN A 173 7.19 13.13 25.38
CA GLN A 173 8.31 14.06 25.55
C GLN A 173 8.49 15.02 24.37
N GLY A 174 7.45 15.18 23.54
CA GLY A 174 7.54 16.09 22.40
C GLY A 174 7.77 17.54 22.83
N LYS A 175 8.48 18.30 22.00
CA LYS A 175 8.76 19.70 22.31
C LYS A 175 7.50 20.56 22.16
N ALA A 176 7.53 21.73 22.79
CA ALA A 176 6.50 22.73 22.56
C ALA A 176 6.76 23.37 21.20
N PHE A 177 5.69 23.79 20.53
CA PHE A 177 5.81 24.51 19.24
C PHE A 177 6.79 25.69 19.34
N ALA A 178 6.72 26.43 20.46
CA ALA A 178 7.59 27.59 20.69
C ALA A 178 9.09 27.27 20.73
N ASP A 179 9.43 26.02 21.07
CA ASP A 179 10.83 25.60 21.23
C ASP A 179 11.31 24.65 20.14
N ALA A 180 10.44 24.32 19.19
CA ALA A 180 10.72 23.27 18.20
C ALA A 180 11.54 23.77 17.00
N ASP A 181 12.36 22.87 16.44
CA ASP A 181 13.01 23.13 15.18
C ASP A 181 11.94 23.15 14.10
N CYS A 182 11.86 24.27 13.36
CA CYS A 182 10.90 24.42 12.28
C CYS A 182 11.64 24.59 10.96
N PHE A 183 10.90 24.43 9.87
CA PHE A 183 11.45 24.67 8.55
C PHE A 183 11.45 26.18 8.29
N PRO A 184 12.30 26.65 7.37
CA PRO A 184 12.23 28.06 6.96
C PRO A 184 10.96 28.50 6.20
N SER B 1 17.56 -6.58 15.60
CA SER B 1 18.67 -7.55 15.29
C SER B 1 18.22 -8.75 14.41
N MET B 2 17.03 -8.61 13.85
CA MET B 2 16.53 -9.39 12.73
C MET B 2 16.44 -8.39 11.59
N SER B 3 16.02 -8.86 10.41
CA SER B 3 15.95 -7.99 9.23
C SER B 3 15.04 -8.58 8.16
N MET B 4 14.75 -7.79 7.13
CA MET B 4 13.99 -8.26 5.97
C MET B 4 14.63 -9.53 5.39
N LYS B 5 13.80 -10.49 5.00
CA LYS B 5 14.29 -11.71 4.35
C LYS B 5 13.85 -11.74 2.88
N ALA B 6 14.75 -12.15 1.98
CA ALA B 6 14.43 -12.35 0.57
C ALA B 6 14.91 -13.73 0.10
N THR B 7 14.03 -14.48 -0.54
CA THR B 7 14.32 -15.84 -0.97
C THR B 7 13.89 -16.06 -2.43
N ARG B 8 14.82 -16.41 -3.31
CA ARG B 8 14.49 -16.73 -4.70
C ARG B 8 13.80 -18.10 -4.76
N LEU B 9 12.70 -18.20 -5.51
CA LEU B 9 11.91 -19.43 -5.62
C LEU B 9 12.46 -20.32 -6.75
N ALA B 10 11.81 -21.47 -7.00
CA ALA B 10 12.30 -22.46 -7.99
C ALA B 10 12.45 -21.89 -9.41
N ILE B 11 11.60 -20.91 -9.73
CA ILE B 11 11.80 -20.06 -10.90
C ILE B 11 12.50 -18.84 -10.31
N PRO B 12 13.82 -18.68 -10.54
CA PRO B 12 14.65 -17.76 -9.75
C PRO B 12 14.31 -16.27 -9.80
N ASP B 13 13.67 -15.81 -10.87
CA ASP B 13 13.31 -14.39 -11.01
C ASP B 13 12.09 -13.98 -10.17
N VAL B 14 11.38 -14.98 -9.63
CA VAL B 14 10.29 -14.75 -8.65
C VAL B 14 10.87 -14.83 -7.25
N ILE B 15 10.61 -13.80 -6.45
CA ILE B 15 11.22 -13.67 -5.12
C ILE B 15 10.18 -13.52 -4.02
N LEU B 16 10.33 -14.31 -2.96
CA LEU B 16 9.50 -14.23 -1.76
C LEU B 16 10.14 -13.30 -0.73
N PHE B 17 9.43 -12.24 -0.35
CA PHE B 17 9.92 -11.26 0.64
C PHE B 17 9.18 -11.42 1.98
N GLU B 18 9.90 -11.24 3.08
CA GLU B 18 9.30 -11.19 4.42
C GLU B 18 9.83 -10.00 5.25
N PRO B 19 8.99 -8.96 5.45
CA PRO B 19 9.43 -7.79 6.24
C PRO B 19 9.81 -8.10 7.68
N ARG B 20 10.65 -7.24 8.24
CA ARG B 20 10.93 -7.24 9.67
C ARG B 20 9.84 -6.45 10.41
N VAL B 21 9.11 -7.12 11.28
CA VAL B 21 7.98 -6.51 12.00
C VAL B 21 8.39 -6.12 13.42
N PHE B 22 8.08 -4.89 13.85
CA PHE B 22 8.31 -4.44 15.22
C PHE B 22 6.98 -4.39 15.98
N GLY B 23 6.85 -5.18 17.05
CA GLY B 23 5.69 -5.10 17.94
C GLY B 23 5.95 -4.22 19.15
N ASP B 24 4.92 -3.59 19.69
CA ASP B 24 5.06 -2.85 20.96
C ASP B 24 3.70 -2.64 21.67
N ASP B 25 3.69 -1.74 22.66
CA ASP B 25 2.49 -1.46 23.46
C ASP B 25 1.33 -0.82 22.70
N ARG B 26 1.59 -0.31 21.50
CA ARG B 26 0.55 0.30 20.66
C ARG B 26 -0.06 -0.69 19.68
N GLY B 27 0.79 -1.54 19.09
CA GLY B 27 0.39 -2.59 18.13
C GLY B 27 1.61 -3.08 17.35
N PHE B 28 1.70 -2.74 16.06
CA PHE B 28 2.93 -3.03 15.31
C PHE B 28 3.30 -1.94 14.30
N PHE B 29 4.54 -2.02 13.82
CA PHE B 29 5.05 -1.21 12.72
C PHE B 29 5.97 -2.07 11.83
N PHE B 30 5.83 -1.96 10.52
CA PHE B 30 6.86 -2.43 9.58
C PHE B 30 6.90 -1.61 8.29
N GLU B 31 8.05 -1.65 7.60
CA GLU B 31 8.16 -1.16 6.23
C GLU B 31 7.64 -2.22 5.28
N SER B 32 6.51 -1.96 4.61
CA SER B 32 5.98 -2.88 3.60
C SER B 32 6.72 -2.79 2.26
N TYR B 33 7.41 -1.67 2.02
CA TYR B 33 8.30 -1.53 0.85
C TYR B 33 9.40 -0.49 1.12
N ASN B 34 10.61 -0.79 0.64
CA ASN B 34 11.76 0.12 0.71
C ASN B 34 12.55 -0.03 -0.61
N GLN B 35 12.63 1.07 -1.36
CA GLN B 35 13.21 1.01 -2.71
C GLN B 35 14.63 0.47 -2.70
N ARG B 36 15.47 0.96 -1.78
CA ARG B 36 16.89 0.54 -1.72
C ARG B 36 17.04 -0.95 -1.43
N ALA B 37 16.34 -1.42 -0.41
CA ALA B 37 16.44 -2.80 0.01
C ALA B 37 15.91 -3.72 -1.09
N PHE B 38 14.82 -3.31 -1.70
CA PHE B 38 14.16 -4.09 -2.74
C PHE B 38 15.06 -4.25 -3.96
N GLU B 39 15.64 -3.14 -4.41
CA GLU B 39 16.52 -3.12 -5.57
C GLU B 39 17.82 -3.90 -5.33
N GLU B 40 18.36 -3.85 -4.10
CA GLU B 40 19.52 -4.67 -3.75
C GLU B 40 19.22 -6.17 -3.89
N ALA B 41 18.04 -6.58 -3.41
CA ALA B 41 17.62 -7.99 -3.45
C ALA B 41 17.35 -8.48 -4.88
N CYS B 42 16.70 -7.63 -5.68
CA CYS B 42 16.35 -7.98 -7.06
C CYS B 42 17.57 -8.00 -7.97
N GLY B 43 18.51 -7.09 -7.72
CA GLY B 43 19.72 -6.98 -8.52
C GLY B 43 19.66 -5.91 -9.61
N HIS B 44 18.55 -5.17 -9.68
CA HIS B 44 18.40 -4.10 -10.67
C HIS B 44 17.32 -3.09 -10.25
N PRO B 45 17.31 -1.89 -10.86
CA PRO B 45 16.30 -0.87 -10.58
C PRO B 45 14.89 -1.28 -11.00
N VAL B 46 13.92 -1.03 -10.14
CA VAL B 46 12.50 -1.22 -10.45
C VAL B 46 11.72 -0.02 -9.92
N SER B 47 10.90 0.59 -10.76
CA SER B 47 10.03 1.69 -10.32
C SER B 47 8.54 1.36 -10.51
N PHE B 48 7.74 1.73 -9.52
CA PHE B 48 6.31 1.40 -9.48
C PHE B 48 5.54 2.67 -9.74
N VAL B 49 4.43 2.57 -10.47
CA VAL B 49 3.62 3.75 -10.82
C VAL B 49 2.14 3.65 -10.43
N GLN B 50 1.69 2.48 -9.98
CA GLN B 50 0.29 2.28 -9.61
C GLN B 50 0.18 1.27 -8.45
N ASP B 51 -0.65 1.57 -7.46
CA ASP B 51 -1.03 0.63 -6.39
C ASP B 51 -2.51 0.25 -6.53
N ASN B 52 -2.80 -1.05 -6.47
CA ASN B 52 -4.17 -1.57 -6.57
C ASN B 52 -4.59 -2.30 -5.27
N HIS B 53 -5.90 -2.28 -4.98
CA HIS B 53 -6.49 -2.83 -3.75
C HIS B 53 -7.82 -3.54 -4.07
N SER B 54 -7.89 -4.86 -3.79
CA SER B 54 -9.14 -5.62 -3.96
C SER B 54 -9.60 -6.32 -2.67
N ARG B 55 -10.91 -6.56 -2.58
CA ARG B 55 -11.51 -7.37 -1.52
C ARG B 55 -12.33 -8.49 -2.17
N SER B 56 -12.17 -9.71 -1.67
CA SER B 56 -12.75 -10.91 -2.27
C SER B 56 -13.27 -11.93 -1.24
N ALA B 57 -14.42 -12.55 -1.51
CA ALA B 57 -14.98 -13.57 -0.62
C ALA B 57 -14.33 -14.93 -0.79
N ARG B 58 -14.52 -15.80 0.21
CA ARG B 58 -13.97 -17.15 0.21
C ARG B 58 -14.30 -17.86 -1.10
N GLY B 59 -13.30 -18.50 -1.71
CA GLY B 59 -13.48 -19.25 -2.96
C GLY B 59 -13.37 -18.45 -4.26
N VAL B 60 -13.31 -17.13 -4.16
CA VAL B 60 -13.08 -16.29 -5.33
C VAL B 60 -11.68 -16.55 -5.87
N LEU B 61 -11.57 -16.70 -7.20
CA LEU B 61 -10.29 -16.85 -7.87
C LEU B 61 -10.17 -15.73 -8.89
N ARG B 62 -9.08 -14.96 -8.84
CA ARG B 62 -8.84 -13.89 -9.83
C ARG B 62 -7.57 -14.24 -10.62
N GLY B 63 -7.67 -14.32 -11.95
CA GLY B 63 -6.53 -14.70 -12.83
C GLY B 63 -6.92 -15.63 -13.97
N LEU B 64 -5.95 -16.10 -14.76
CA LEU B 64 -4.53 -15.77 -14.66
C LEU B 64 -4.22 -14.57 -15.58
N HIS B 65 -3.69 -13.49 -15.02
CA HIS B 65 -3.59 -12.20 -15.73
C HIS B 65 -2.19 -11.74 -16.13
N TYR B 66 -2.13 -11.09 -17.30
CA TYR B 66 -0.91 -10.40 -17.76
C TYR B 66 -1.24 -9.36 -18.85
N GLN B 67 -0.35 -8.37 -19.02
CA GLN B 67 -0.43 -7.42 -20.14
C GLN B 67 0.70 -7.74 -21.13
N ILE B 68 0.32 -8.07 -22.36
CA ILE B 68 1.24 -8.53 -23.39
C ILE B 68 2.11 -7.39 -23.96
N ARG B 69 1.57 -6.18 -23.89
CA ARG B 69 2.34 -4.95 -24.09
C ARG B 69 2.05 -4.06 -22.88
N GLN B 70 2.94 -3.09 -22.62
CA GLN B 70 2.94 -2.34 -21.37
C GLN B 70 2.91 -3.35 -20.22
N ALA B 71 3.84 -4.28 -20.23
CA ALA B 71 3.84 -5.36 -19.25
C ALA B 71 4.08 -4.82 -17.85
N GLN B 72 3.49 -5.49 -16.87
CA GLN B 72 3.55 -5.07 -15.48
C GLN B 72 4.27 -6.10 -14.62
N GLY B 73 5.41 -5.71 -14.03
CA GLY B 73 5.95 -6.44 -12.89
C GLY B 73 5.02 -6.15 -11.72
N LYS B 74 4.91 -7.08 -10.77
CA LYS B 74 3.95 -6.97 -9.68
C LYS B 74 4.57 -7.41 -8.35
N LEU B 75 4.43 -6.57 -7.33
CA LEU B 75 4.83 -6.89 -5.95
C LEU B 75 3.53 -6.96 -5.13
N VAL B 76 3.17 -8.17 -4.70
CA VAL B 76 1.83 -8.45 -4.12
C VAL B 76 1.87 -8.93 -2.66
N ARG B 77 0.81 -8.61 -1.92
CA ARG B 77 0.66 -9.08 -0.53
C ARG B 77 -0.80 -9.10 -0.09
N ALA B 78 -1.07 -9.69 1.06
CA ALA B 78 -2.44 -9.75 1.63
C ALA B 78 -2.47 -9.04 2.98
N THR B 79 -3.39 -8.09 3.14
CA THR B 79 -3.51 -7.32 4.38
C THR B 79 -4.73 -7.72 5.22
N LEU B 80 -5.59 -8.57 4.67
CA LEU B 80 -6.68 -9.22 5.41
C LEU B 80 -6.84 -10.64 4.87
N GLY B 81 -6.96 -11.61 5.75
CA GLY B 81 -7.20 -13.00 5.36
C GLY B 81 -6.00 -13.68 4.74
N GLU B 82 -6.27 -14.70 3.90
CA GLU B 82 -5.26 -15.60 3.37
C GLU B 82 -5.60 -16.03 1.95
N VAL B 83 -4.60 -15.98 1.08
CA VAL B 83 -4.73 -16.43 -0.32
C VAL B 83 -3.60 -17.41 -0.69
N PHE B 84 -3.83 -18.24 -1.70
CA PHE B 84 -2.76 -18.98 -2.37
C PHE B 84 -2.43 -18.23 -3.66
N ASP B 85 -1.19 -17.77 -3.79
CA ASP B 85 -0.79 -16.88 -4.90
C ASP B 85 0.13 -17.60 -5.87
N VAL B 86 -0.12 -17.42 -7.18
CA VAL B 86 0.55 -18.22 -8.23
C VAL B 86 1.18 -17.33 -9.31
N ALA B 87 2.40 -17.68 -9.71
CA ALA B 87 3.12 -17.06 -10.84
C ALA B 87 3.48 -18.11 -11.90
N VAL B 88 3.16 -17.80 -13.17
CA VAL B 88 3.42 -18.70 -14.30
C VAL B 88 4.36 -18.02 -15.30
N ASP B 89 5.47 -18.69 -15.65
CA ASP B 89 6.45 -18.15 -16.60
C ASP B 89 5.92 -18.25 -18.04
N LEU B 90 5.67 -17.11 -18.69
CA LEU B 90 5.19 -17.09 -20.07
C LEU B 90 6.22 -16.56 -21.07
N ARG B 91 7.51 -16.68 -20.74
CA ARG B 91 8.59 -16.28 -21.65
C ARG B 91 9.03 -17.50 -22.46
N ARG B 92 8.76 -17.50 -23.76
CA ARG B 92 9.06 -18.67 -24.61
C ARG B 92 10.52 -19.13 -24.57
N GLY B 93 11.44 -18.17 -24.43
CA GLY B 93 12.86 -18.46 -24.40
C GLY B 93 13.41 -18.94 -23.07
N SER B 94 12.58 -18.90 -22.01
CA SER B 94 13.02 -19.30 -20.67
C SER B 94 13.07 -20.83 -20.47
N PRO B 95 14.08 -21.33 -19.72
CA PRO B 95 14.13 -22.76 -19.39
C PRO B 95 12.97 -23.25 -18.52
N THR B 96 12.23 -22.32 -17.92
CA THR B 96 11.07 -22.66 -17.10
C THR B 96 9.76 -22.16 -17.72
N PHE B 97 9.77 -21.91 -19.03
CA PHE B 97 8.54 -21.59 -19.78
C PHE B 97 7.45 -22.61 -19.47
N GLY B 98 6.29 -22.11 -19.03
CA GLY B 98 5.13 -22.97 -18.76
C GLY B 98 5.12 -23.65 -17.39
N GLN B 99 6.14 -23.37 -16.56
CA GLN B 99 6.15 -23.82 -15.16
C GLN B 99 5.54 -22.74 -14.26
N TRP B 100 5.16 -23.13 -13.04
CA TRP B 100 4.61 -22.19 -12.07
C TRP B 100 5.14 -22.46 -10.66
N VAL B 101 5.12 -21.41 -9.83
CA VAL B 101 5.37 -21.51 -8.40
C VAL B 101 4.18 -20.92 -7.64
N GLY B 102 3.92 -21.41 -6.42
CA GLY B 102 2.84 -20.88 -5.59
C GLY B 102 3.18 -20.84 -4.11
N GLU B 103 2.66 -19.82 -3.41
CA GLU B 103 2.90 -19.63 -1.97
C GLU B 103 1.63 -19.11 -1.29
N ARG B 104 1.46 -19.46 -0.02
CA ARG B 104 0.40 -18.87 0.81
C ARG B 104 0.83 -17.51 1.38
N LEU B 105 0.06 -16.47 1.10
CA LEU B 105 0.31 -15.11 1.61
C LEU B 105 -0.88 -14.70 2.48
N SER B 106 -0.60 -14.22 3.69
CA SER B 106 -1.64 -13.81 4.62
C SER B 106 -1.31 -12.51 5.36
N ALA B 107 -2.35 -11.89 5.91
CA ALA B 107 -2.19 -10.73 6.80
C ALA B 107 -1.28 -11.10 7.96
N GLU B 108 -1.38 -12.35 8.41
CA GLU B 108 -0.61 -12.84 9.56
C GLU B 108 0.88 -13.06 9.22
N ASN B 109 1.18 -13.79 8.14
CA ASN B 109 2.58 -14.09 7.78
C ASN B 109 3.32 -12.93 7.07
N LYS B 110 2.55 -11.99 6.53
CA LYS B 110 3.09 -10.75 5.93
C LYS B 110 4.07 -11.00 4.77
N ARG B 111 3.98 -12.18 4.15
CA ARG B 111 4.84 -12.50 3.03
C ARG B 111 4.34 -11.81 1.75
N GLN B 112 5.28 -11.52 0.85
CA GLN B 112 5.00 -10.88 -0.43
C GLN B 112 5.68 -11.65 -1.53
N MET B 113 5.12 -11.59 -2.74
CA MET B 113 5.78 -12.17 -3.91
C MET B 113 6.03 -11.10 -4.97
N TRP B 114 7.27 -11.04 -5.46
CA TRP B 114 7.66 -10.20 -6.58
C TRP B 114 7.66 -11.07 -7.84
N ILE B 115 6.86 -10.65 -8.82
CA ILE B 115 6.55 -11.40 -10.02
C ILE B 115 6.82 -10.48 -11.21
N PRO B 116 8.00 -10.62 -11.84
CA PRO B 116 8.40 -9.71 -12.92
C PRO B 116 7.54 -9.75 -14.18
N ALA B 117 7.67 -8.74 -15.04
CA ALA B 117 7.12 -8.79 -16.40
C ALA B 117 7.51 -10.10 -17.11
N GLY B 118 6.58 -10.66 -17.88
CA GLY B 118 6.82 -11.94 -18.55
C GLY B 118 6.07 -13.10 -17.91
N PHE B 119 5.39 -12.81 -16.79
CA PHE B 119 4.63 -13.82 -16.05
C PHE B 119 3.13 -13.53 -16.05
N ALA B 120 2.34 -14.60 -15.85
CA ALA B 120 0.92 -14.48 -15.52
C ALA B 120 0.73 -14.66 -14.02
N HIS B 121 -0.27 -14.00 -13.45
CA HIS B 121 -0.48 -14.02 -12.00
C HIS B 121 -1.95 -14.30 -11.65
N GLY B 122 -2.16 -15.03 -10.56
CA GLY B 122 -3.52 -15.24 -10.02
C GLY B 122 -3.50 -15.65 -8.56
N PHE B 123 -4.65 -15.53 -7.89
CA PHE B 123 -4.81 -15.96 -6.51
C PHE B 123 -6.21 -16.50 -6.20
N VAL B 124 -6.30 -17.35 -5.18
CA VAL B 124 -7.58 -17.85 -4.70
C VAL B 124 -7.70 -17.60 -3.20
N VAL B 125 -8.89 -17.21 -2.75
CA VAL B 125 -9.18 -16.87 -1.37
C VAL B 125 -9.52 -18.11 -0.52
N LEU B 126 -8.74 -18.30 0.54
CA LEU B 126 -8.90 -19.43 1.46
C LEU B 126 -9.72 -19.07 2.71
N SER B 127 -9.75 -17.80 3.08
CA SER B 127 -10.46 -17.33 4.27
C SER B 127 -11.84 -16.75 3.93
N GLU B 128 -12.63 -16.39 4.95
CA GLU B 128 -13.98 -15.84 4.74
C GLU B 128 -13.96 -14.68 3.74
N TYR B 129 -13.03 -13.76 3.95
CA TYR B 129 -12.74 -12.66 3.03
C TYR B 129 -11.22 -12.48 2.96
N ALA B 130 -10.72 -11.92 1.87
CA ALA B 130 -9.33 -11.48 1.81
C ALA B 130 -9.25 -10.15 1.10
N GLU B 131 -8.29 -9.32 1.51
CA GLU B 131 -7.95 -8.08 0.82
C GLU B 131 -6.50 -8.16 0.36
N PHE B 132 -6.29 -7.82 -0.90
CA PHE B 132 -5.07 -8.12 -1.62
C PHE B 132 -4.57 -6.81 -2.22
N LEU B 133 -3.33 -6.43 -1.89
CA LEU B 133 -2.73 -5.18 -2.35
C LEU B 133 -1.56 -5.48 -3.27
N TYR B 134 -1.43 -4.74 -4.37
CA TYR B 134 -0.22 -4.87 -5.18
C TYR B 134 0.23 -3.61 -5.91
N LYS B 135 1.54 -3.56 -6.16
CA LYS B 135 2.21 -2.44 -6.83
C LYS B 135 2.61 -2.91 -8.23
N THR B 136 2.44 -2.05 -9.24
CA THR B 136 2.69 -2.40 -10.64
C THR B 136 3.74 -1.48 -11.28
N THR B 137 4.57 -2.03 -12.15
CA THR B 137 5.65 -1.25 -12.79
C THR B 137 5.17 -0.42 -13.99
N ASP B 138 3.93 -0.62 -14.42
CA ASP B 138 3.37 0.16 -15.54
C ASP B 138 1.86 0.30 -15.34
N PHE B 139 1.24 1.18 -16.13
CA PHE B 139 -0.18 1.50 -15.95
C PHE B 139 -1.09 0.44 -16.56
N TRP B 140 -2.33 0.39 -16.05
CA TRP B 140 -3.41 -0.40 -16.60
C TRP B 140 -3.62 -0.05 -18.07
N ALA B 141 -3.67 -1.09 -18.91
CA ALA B 141 -3.91 -0.92 -20.34
C ALA B 141 -4.89 -2.04 -20.76
N PRO B 142 -6.20 -1.78 -20.71
CA PRO B 142 -7.20 -2.84 -20.95
C PRO B 142 -7.05 -3.52 -22.32
N GLU B 143 -6.65 -2.75 -23.33
CA GLU B 143 -6.43 -3.29 -24.67
C GLU B 143 -5.36 -4.38 -24.72
N HIS B 144 -4.39 -4.32 -23.80
CA HIS B 144 -3.28 -5.29 -23.75
C HIS B 144 -3.48 -6.42 -22.75
N GLU B 145 -4.56 -6.39 -21.98
CA GLU B 145 -4.83 -7.43 -20.97
C GLU B 145 -5.13 -8.77 -21.64
N ARG B 146 -4.57 -9.85 -21.10
CA ARG B 146 -4.81 -11.20 -21.60
C ARG B 146 -5.11 -12.08 -20.40
N CYS B 147 -5.75 -13.25 -20.65
CA CYS B 147 -6.10 -14.19 -19.60
C CYS B 147 -5.94 -15.66 -20.02
N ILE B 148 -5.30 -16.45 -19.16
CA ILE B 148 -5.30 -17.91 -19.28
C ILE B 148 -6.23 -18.50 -18.23
N VAL B 149 -7.04 -19.49 -18.60
CA VAL B 149 -8.05 -20.03 -17.69
C VAL B 149 -7.42 -20.81 -16.51
N TRP B 150 -7.93 -20.59 -15.30
CA TRP B 150 -7.35 -21.15 -14.06
C TRP B 150 -7.02 -22.65 -14.12
N ASN B 151 -7.89 -23.44 -14.75
CA ASN B 151 -7.76 -24.90 -14.69
C ASN B 151 -7.18 -25.49 -15.97
N ASP B 152 -6.30 -24.74 -16.63
CA ASP B 152 -5.72 -25.21 -17.87
C ASP B 152 -5.02 -26.54 -17.61
N PRO B 153 -5.30 -27.55 -18.45
CA PRO B 153 -4.81 -28.91 -18.19
C PRO B 153 -3.29 -29.10 -18.41
N GLU B 154 -2.65 -28.20 -19.14
CA GLU B 154 -1.21 -28.31 -19.36
C GLU B 154 -0.42 -27.69 -18.20
N LEU B 155 -0.88 -26.53 -17.71
CA LEU B 155 -0.25 -25.91 -16.54
C LEU B 155 -0.40 -26.76 -15.27
N LYS B 156 -1.55 -27.41 -15.11
CA LYS B 156 -1.83 -28.29 -13.97
C LYS B 156 -1.55 -27.60 -12.64
N ILE B 157 -2.20 -26.47 -12.42
CA ILE B 157 -2.07 -25.75 -11.15
C ILE B 157 -2.95 -26.41 -10.10
N ASP B 158 -2.37 -26.69 -8.92
CA ASP B 158 -3.10 -27.33 -7.83
C ASP B 158 -3.61 -26.27 -6.85
N TRP B 159 -4.77 -25.70 -7.17
CA TRP B 159 -5.40 -24.70 -6.31
C TRP B 159 -6.03 -25.43 -5.12
N PRO B 160 -5.92 -24.87 -3.88
CA PRO B 160 -6.63 -25.48 -2.75
C PRO B 160 -8.08 -25.02 -2.66
N LEU B 161 -8.96 -25.70 -3.40
CA LEU B 161 -10.38 -25.37 -3.46
C LEU B 161 -11.19 -26.51 -2.88
N GLN B 162 -12.37 -26.20 -2.35
CA GLN B 162 -13.23 -27.21 -1.78
C GLN B 162 -14.38 -27.49 -2.74
N ASP B 163 -14.97 -26.43 -3.29
CA ASP B 163 -15.99 -26.53 -4.33
C ASP B 163 -15.52 -25.79 -5.58
N ALA B 164 -16.45 -25.48 -6.48
CA ALA B 164 -16.14 -24.69 -7.67
C ALA B 164 -15.77 -23.26 -7.28
N PRO B 165 -14.77 -22.67 -7.96
CA PRO B 165 -14.40 -21.29 -7.66
C PRO B 165 -15.44 -20.27 -8.14
N LEU B 166 -15.42 -19.09 -7.55
CA LEU B 166 -16.24 -17.96 -7.97
C LEU B 166 -15.39 -17.08 -8.88
N LEU B 167 -15.75 -17.04 -10.16
CA LEU B 167 -14.98 -16.30 -11.18
C LEU B 167 -15.79 -15.17 -11.81
N SER B 168 -15.09 -14.13 -12.26
CA SER B 168 -15.68 -13.13 -13.15
C SER B 168 -15.92 -13.82 -14.48
N GLU B 169 -16.71 -13.21 -15.36
CA GLU B 169 -16.95 -13.75 -16.70
C GLU B 169 -15.67 -13.77 -17.58
N LYS B 170 -14.93 -12.66 -17.61
CA LYS B 170 -13.66 -12.61 -18.33
C LYS B 170 -12.70 -13.73 -17.94
N ASP B 171 -12.63 -14.01 -16.64
CA ASP B 171 -11.74 -15.05 -16.13
C ASP B 171 -12.28 -16.45 -16.44
N ARG B 172 -13.58 -16.64 -16.24
CA ARG B 172 -14.27 -17.85 -16.69
C ARG B 172 -14.01 -18.12 -18.19
N GLN B 173 -13.86 -17.04 -18.97
CA GLN B 173 -13.63 -17.12 -20.42
C GLN B 173 -12.16 -17.05 -20.83
N GLY B 174 -11.26 -17.27 -19.87
CA GLY B 174 -9.82 -17.27 -20.16
C GLY B 174 -9.44 -18.27 -21.25
N LYS B 175 -8.35 -18.00 -21.95
CA LYS B 175 -7.89 -18.87 -23.04
C LYS B 175 -7.08 -20.07 -22.52
N ALA B 176 -6.96 -21.09 -23.36
CA ALA B 176 -6.06 -22.20 -23.09
C ALA B 176 -4.61 -21.73 -23.27
N PHE B 177 -3.71 -22.24 -22.41
CA PHE B 177 -2.28 -21.97 -22.52
C PHE B 177 -1.74 -22.22 -23.95
N ALA B 178 -2.24 -23.26 -24.60
CA ALA B 178 -1.82 -23.62 -25.96
C ALA B 178 -2.22 -22.60 -27.02
N ASP B 179 -3.26 -21.83 -26.73
CA ASP B 179 -3.75 -20.78 -27.63
C ASP B 179 -3.25 -19.38 -27.23
N ALA B 180 -2.54 -19.28 -26.10
CA ALA B 180 -2.29 -17.96 -25.48
C ALA B 180 -1.13 -17.16 -26.08
N ASP B 181 -1.26 -15.84 -26.06
CA ASP B 181 -0.16 -14.94 -26.41
C ASP B 181 0.88 -15.04 -25.30
N CYS B 182 2.11 -15.29 -25.70
CA CYS B 182 3.22 -15.41 -24.76
C CYS B 182 4.31 -14.39 -25.09
N PHE B 183 5.27 -14.23 -24.18
CA PHE B 183 6.37 -13.29 -24.33
C PHE B 183 7.54 -13.98 -25.01
N PRO B 184 8.49 -13.22 -25.55
CA PRO B 184 9.68 -13.86 -26.13
C PRO B 184 10.51 -14.59 -25.07
#